data_3ASW
#
_entry.id   3ASW
#
_cell.length_a   85.598
_cell.length_b   85.598
_cell.length_c   84.795
_cell.angle_alpha   90.000
_cell.angle_beta   90.000
_cell.angle_gamma   90.000
#
_symmetry.space_group_name_H-M   'P 43'
#
loop_
_entity.id
_entity.type
_entity.pdbx_description
1 polymer 'Clumping factor B'
2 polymer 'Tail region derived peptide'
3 water water
#
loop_
_entity_poly.entity_id
_entity_poly.type
_entity_poly.pdbx_seq_one_letter_code
_entity_poly.pdbx_strand_id
1 'polypeptide(L)'
;HHHHHHGSGTNVNDKVTASNFKLEKTTFDPNQSGNTFMAANFTVTDKVKSGDYFTAKLPDSLTGNGDVDYSNSNNTMPIA
DIKSTNGDVVAKATYDILTKTYTFVFTDYVNNKENINGQFSLPLFTDRAKAPKSGTYDANINIADEMFNNKITYNYSSPI
AGIDKPNGANISSQIIGVDTASGQNTYKQTVFVNPKQRVLGNTWVYIKGYQDKIEESSGKVSATDTKLRIFEVNDTSKLS
ESYYADPNDSNLKEVTDQFKNRIYYEHPNVASIKFGDITKTYVVLVEGHYDNTGKNLKTQVIQENVDPVTNRDYSIFGWN
NENVVRYG
;
A
2 'polypeptide(L)' YGGGSSGGGSSGGGH B
#
# COMPACT_ATOMS: atom_id res chain seq x y z
N GLY A 9 -29.50 -8.60 12.81
CA GLY A 9 -29.97 -7.30 13.39
C GLY A 9 -30.23 -6.19 12.36
N THR A 10 -30.66 -5.02 12.83
CA THR A 10 -31.02 -3.88 11.96
C THR A 10 -29.88 -2.83 11.97
N ASN A 11 -29.77 -2.10 10.88
CA ASN A 11 -28.89 -0.94 10.78
C ASN A 11 -29.44 0.19 11.66
N VAL A 12 -28.68 0.61 12.67
CA VAL A 12 -29.14 1.60 13.59
C VAL A 12 -28.34 2.88 13.52
N ASN A 13 -28.02 3.34 12.32
CA ASN A 13 -27.30 4.61 12.15
C ASN A 13 -28.04 5.86 12.66
N ASP A 14 -29.37 5.84 12.52
CA ASP A 14 -30.20 6.94 13.02
C ASP A 14 -30.23 6.95 14.57
N LYS A 15 -29.78 5.88 15.23
CA LYS A 15 -29.78 5.82 16.69
C LYS A 15 -28.43 6.03 17.30
N VAL A 16 -27.45 6.39 16.48
CA VAL A 16 -26.09 6.52 16.94
C VAL A 16 -25.54 7.87 16.51
N THR A 17 -24.84 8.53 17.42
CA THR A 17 -24.32 9.85 17.15
C THR A 17 -22.86 9.95 17.54
N ALA A 18 -22.06 10.41 16.57
CA ALA A 18 -20.64 10.52 16.76
C ALA A 18 -20.28 11.97 17.06
N SER A 19 -19.29 12.17 17.93
CA SER A 19 -18.86 13.51 18.34
C SER A 19 -17.39 13.50 18.74
N ASN A 20 -16.85 14.66 19.09
CA ASN A 20 -15.42 14.87 19.30
C ASN A 20 -14.60 14.16 18.18
N PHE A 21 -14.99 14.39 16.91
CA PHE A 21 -14.30 13.81 15.78
C PHE A 21 -12.93 14.47 15.54
N LYS A 22 -11.85 13.69 15.50
CA LYS A 22 -10.50 14.27 15.33
C LYS A 22 -9.62 13.48 14.31
N LEU A 23 -8.94 14.22 13.42
CA LEU A 23 -7.95 13.62 12.53
C LEU A 23 -6.56 13.99 13.04
N GLU A 24 -5.77 13.00 13.47
CA GLU A 24 -4.42 13.26 13.91
C GLU A 24 -3.67 14.25 13.00
N LYS A 25 -3.51 13.95 11.71
CA LYS A 25 -2.80 14.87 10.83
C LYS A 25 -3.38 14.99 9.46
N THR A 26 -3.31 16.18 8.86
CA THR A 26 -3.99 16.43 7.60
C THR A 26 -3.03 16.37 6.38
N THR A 27 -1.72 16.31 6.63
CA THR A 27 -0.71 16.28 5.56
C THR A 27 0.38 15.23 5.83
N PHE A 28 0.70 14.39 4.82
CA PHE A 28 1.75 13.33 5.01
C PHE A 28 2.24 12.71 3.70
N ASP A 29 3.33 11.97 3.79
CA ASP A 29 3.96 11.35 2.63
C ASP A 29 3.67 9.87 2.72
N PRO A 30 2.71 9.38 1.97
CA PRO A 30 2.45 7.93 2.04
C PRO A 30 3.57 7.05 1.47
N ASN A 31 4.50 7.62 0.72
CA ASN A 31 5.66 6.87 0.33
C ASN A 31 6.78 6.86 1.39
N GLN A 32 6.53 7.46 2.55
CA GLN A 32 7.49 7.39 3.68
C GLN A 32 6.76 6.91 4.94
N SER A 33 5.79 6.03 4.73
CA SER A 33 4.94 5.48 5.79
C SER A 33 4.13 6.53 6.46
N GLY A 34 3.85 7.63 5.80
CA GLY A 34 2.90 8.62 6.36
C GLY A 34 1.48 8.07 6.44
N ASN A 35 0.85 8.21 7.59
CA ASN A 35 -0.56 7.92 7.69
C ASN A 35 -1.20 8.86 8.70
N THR A 36 -2.48 8.69 8.94
CA THR A 36 -3.19 9.53 9.90
C THR A 36 -4.08 8.63 10.75
N PHE A 37 -4.98 9.20 11.56
CA PHE A 37 -5.86 8.43 12.44
C PHE A 37 -7.16 9.16 12.54
N MET A 38 -8.25 8.46 12.83
CA MET A 38 -9.47 9.15 13.17
C MET A 38 -9.93 8.65 14.52
N ALA A 39 -10.44 9.54 15.35
CA ALA A 39 -10.92 9.19 16.69
C ALA A 39 -12.27 9.87 16.83
N ALA A 40 -13.21 9.19 17.48
CA ALA A 40 -14.49 9.83 17.79
C ALA A 40 -15.16 9.16 18.98
N ASN A 41 -16.13 9.82 19.58
CA ASN A 41 -16.95 9.17 20.59
C ASN A 41 -18.29 8.93 19.91
N PHE A 42 -19.04 7.93 20.37
CA PHE A 42 -20.40 7.79 19.93
C PHE A 42 -21.32 7.49 21.11
N THR A 43 -22.60 7.84 20.99
CA THR A 43 -23.56 7.48 22.01
C THR A 43 -24.79 6.92 21.29
N VAL A 44 -25.41 5.90 21.86
CA VAL A 44 -26.65 5.34 21.36
C VAL A 44 -27.81 6.13 21.98
N THR A 45 -28.52 6.86 21.13
CA THR A 45 -29.63 7.71 21.53
C THR A 45 -30.78 6.85 22.05
N ASP A 46 -31.12 5.81 21.29
CA ASP A 46 -32.21 4.91 21.67
C ASP A 46 -31.68 3.60 22.20
N LYS A 47 -32.58 2.70 22.59
CA LYS A 47 -32.16 1.35 22.95
C LYS A 47 -32.02 0.56 21.64
N VAL A 48 -31.00 -0.28 21.60
CA VAL A 48 -30.75 -1.10 20.43
C VAL A 48 -30.51 -2.52 20.92
N LYS A 49 -30.54 -3.49 20.02
CA LYS A 49 -30.28 -4.86 20.46
C LYS A 49 -28.93 -5.40 19.98
N SER A 50 -28.53 -6.51 20.59
CA SER A 50 -27.36 -7.23 20.18
C SER A 50 -27.55 -7.65 18.74
N GLY A 51 -26.55 -7.47 17.91
CA GLY A 51 -26.68 -7.78 16.51
C GLY A 51 -26.94 -6.56 15.67
N ASP A 52 -27.52 -5.51 16.25
CA ASP A 52 -27.73 -4.29 15.50
C ASP A 52 -26.35 -3.68 15.18
N TYR A 53 -26.27 -2.75 14.24
CA TYR A 53 -24.96 -2.28 13.83
C TYR A 53 -25.02 -0.87 13.23
N PHE A 54 -23.90 -0.16 13.30
CA PHE A 54 -23.78 1.13 12.63
C PHE A 54 -22.47 1.13 11.80
N THR A 55 -22.29 2.11 10.94
CA THR A 55 -21.20 2.06 9.98
C THR A 55 -20.44 3.35 9.89
N ALA A 56 -19.28 3.27 9.25
CA ALA A 56 -18.52 4.44 8.90
C ALA A 56 -18.01 4.19 7.48
N LYS A 57 -18.13 5.20 6.63
CA LYS A 57 -17.69 5.16 5.24
C LYS A 57 -16.52 6.12 4.94
N LEU A 58 -15.38 5.58 4.47
CA LEU A 58 -14.25 6.42 4.07
C LEU A 58 -14.49 7.01 2.69
N PRO A 59 -13.91 8.18 2.39
CA PRO A 59 -14.07 8.71 1.05
C PRO A 59 -13.03 8.14 0.09
N ASP A 60 -13.16 8.51 -1.16
CA ASP A 60 -12.29 8.04 -2.23
C ASP A 60 -10.79 8.15 -1.94
N SER A 61 -10.42 9.24 -1.30
CA SER A 61 -9.03 9.47 -1.01
C SER A 61 -8.43 8.59 0.10
N LEU A 62 -9.23 7.86 0.87
CA LEU A 62 -8.69 7.11 2.04
C LEU A 62 -8.99 5.61 2.08
N THR A 63 -8.15 4.83 2.78
CA THR A 63 -8.43 3.42 3.04
C THR A 63 -8.16 3.12 4.51
N GLY A 64 -8.85 2.13 5.06
CA GLY A 64 -8.56 1.70 6.44
C GLY A 64 -7.48 0.63 6.56
N ASN A 65 -6.97 0.15 5.43
CA ASN A 65 -5.98 -0.93 5.42
C ASN A 65 -4.60 -0.55 4.87
N GLY A 66 -4.54 0.49 4.02
CA GLY A 66 -3.26 0.90 3.46
C GLY A 66 -2.62 -0.24 2.69
N ASP A 67 -1.35 -0.51 3.00
CA ASP A 67 -0.58 -1.48 2.24
C ASP A 67 -0.68 -2.91 2.81
N VAL A 68 -1.70 -3.16 3.62
CA VAL A 68 -1.94 -4.49 4.11
C VAL A 68 -3.11 -4.94 3.28
N ASP A 69 -2.95 -6.15 2.74
CA ASP A 69 -3.85 -6.68 1.76
C ASP A 69 -4.69 -7.79 2.37
N TYR A 70 -6.00 -7.66 2.17
CA TYR A 70 -6.92 -8.60 2.74
C TYR A 70 -7.67 -9.40 1.69
N SER A 71 -7.17 -9.38 0.48
CA SER A 71 -7.81 -10.07 -0.60
C SER A 71 -7.84 -11.62 -0.35
N ASN A 72 -6.91 -12.15 0.43
CA ASN A 72 -6.95 -13.57 0.80
C ASN A 72 -7.77 -13.84 2.07
N SER A 73 -8.39 -12.81 2.63
CA SER A 73 -9.26 -12.96 3.83
C SER A 73 -10.69 -12.47 3.53
N ASN A 74 -11.15 -12.82 2.35
CA ASN A 74 -12.46 -12.43 1.89
C ASN A 74 -12.64 -10.95 1.79
N ASN A 75 -11.56 -10.25 1.42
CA ASN A 75 -11.60 -8.81 1.29
C ASN A 75 -12.12 -8.10 2.54
N THR A 76 -11.88 -8.68 3.70
CA THR A 76 -12.46 -8.17 4.91
C THR A 76 -11.39 -8.05 5.93
N MET A 77 -11.22 -6.83 6.44
CA MET A 77 -10.20 -6.52 7.41
C MET A 77 -10.77 -6.59 8.81
N PRO A 78 -10.29 -7.53 9.63
CA PRO A 78 -10.69 -7.56 11.03
C PRO A 78 -10.17 -6.33 11.80
N ILE A 79 -10.95 -5.82 12.75
CA ILE A 79 -10.60 -4.63 13.51
C ILE A 79 -10.68 -4.96 15.01
N ALA A 80 -9.86 -4.33 15.83
CA ALA A 80 -9.92 -4.52 17.29
C ALA A 80 -11.24 -4.03 17.87
N ASP A 81 -11.75 -4.83 18.82
CA ASP A 81 -13.03 -4.62 19.46
C ASP A 81 -13.21 -3.18 19.91
N ILE A 82 -14.41 -2.66 19.76
CA ILE A 82 -14.75 -1.31 20.19
C ILE A 82 -15.22 -1.35 21.62
N LYS A 83 -14.77 -0.38 22.43
CA LYS A 83 -15.00 -0.41 23.88
C LYS A 83 -15.98 0.66 24.35
N SER A 84 -16.70 0.40 25.47
CA SER A 84 -17.50 1.41 26.16
C SER A 84 -16.56 2.40 26.80
N THR A 85 -17.18 3.38 27.44
CA THR A 85 -16.44 4.27 28.30
C THR A 85 -15.86 3.47 29.45
N ASN A 86 -16.54 2.37 29.79
CA ASN A 86 -16.21 1.61 30.98
C ASN A 86 -15.16 0.53 30.73
N GLY A 87 -14.72 0.41 29.48
CA GLY A 87 -13.64 -0.54 29.18
C GLY A 87 -14.07 -1.91 28.64
N ASP A 88 -15.35 -2.27 28.76
CA ASP A 88 -15.87 -3.49 28.19
C ASP A 88 -16.19 -3.29 26.72
N VAL A 89 -16.25 -4.40 25.99
CA VAL A 89 -16.51 -4.35 24.54
C VAL A 89 -17.98 -4.03 24.29
N VAL A 90 -18.25 -2.98 23.49
CA VAL A 90 -19.62 -2.69 23.02
C VAL A 90 -19.91 -3.30 21.68
N ALA A 91 -18.93 -3.29 20.77
CA ALA A 91 -19.16 -3.76 19.39
C ALA A 91 -17.94 -4.47 18.84
N LYS A 92 -18.19 -5.47 18.00
CA LYS A 92 -17.13 -6.09 17.20
C LYS A 92 -17.12 -5.39 15.83
N ALA A 93 -15.93 -5.08 15.31
CA ALA A 93 -15.83 -4.33 14.07
C ALA A 93 -15.13 -5.09 12.93
N THR A 94 -15.48 -4.70 11.72
CA THR A 94 -15.03 -5.31 10.48
C THR A 94 -14.92 -4.21 9.44
N TYR A 95 -13.87 -4.26 8.63
CA TYR A 95 -13.75 -3.29 7.53
C TYR A 95 -13.83 -4.03 6.20
N ASP A 96 -14.70 -3.55 5.33
CA ASP A 96 -14.86 -4.07 3.98
C ASP A 96 -13.99 -3.32 2.96
N ILE A 97 -13.04 -4.02 2.33
CA ILE A 97 -12.11 -3.38 1.46
C ILE A 97 -12.77 -2.80 0.24
N LEU A 98 -13.76 -3.50 -0.30
CA LEU A 98 -14.40 -3.08 -1.53
C LEU A 98 -15.24 -1.82 -1.33
N THR A 99 -16.10 -1.82 -0.30
CA THR A 99 -16.94 -0.63 -0.04
C THR A 99 -16.36 0.41 0.95
N LYS A 100 -15.14 0.15 1.44
CA LYS A 100 -14.48 1.05 2.41
C LYS A 100 -15.42 1.51 3.56
N THR A 101 -16.12 0.55 4.16
CA THR A 101 -17.10 0.78 5.19
C THR A 101 -16.71 -0.08 6.39
N TYR A 102 -16.70 0.54 7.58
CA TYR A 102 -16.58 -0.17 8.87
C TYR A 102 -17.98 -0.53 9.32
N THR A 103 -18.15 -1.72 9.88
CA THR A 103 -19.44 -2.14 10.41
C THR A 103 -19.21 -2.49 11.88
N PHE A 104 -19.89 -1.77 12.77
CA PHE A 104 -19.69 -1.96 14.19
C PHE A 104 -20.90 -2.72 14.69
N VAL A 105 -20.73 -3.98 15.03
CA VAL A 105 -21.86 -4.78 15.43
C VAL A 105 -21.90 -4.89 16.96
N PHE A 106 -22.92 -4.27 17.54
CA PHE A 106 -23.23 -4.39 18.97
C PHE A 106 -23.29 -5.83 19.50
N THR A 107 -22.64 -6.03 20.66
CA THR A 107 -22.72 -7.32 21.39
C THR A 107 -23.79 -7.33 22.47
N ASP A 108 -23.83 -8.43 23.22
CA ASP A 108 -24.82 -8.57 24.30
C ASP A 108 -24.66 -7.47 25.29
N TYR A 109 -23.48 -6.84 25.33
CA TYR A 109 -23.28 -5.65 26.15
C TYR A 109 -24.53 -4.76 26.22
N VAL A 110 -25.04 -4.46 25.04
CA VAL A 110 -26.06 -3.46 24.90
C VAL A 110 -27.46 -3.85 25.43
N ASN A 111 -27.65 -5.13 25.78
CA ASN A 111 -28.96 -5.68 26.14
C ASN A 111 -29.53 -5.18 27.48
N ASN A 112 -28.67 -4.87 28.44
CA ASN A 112 -29.16 -4.42 29.73
C ASN A 112 -28.86 -2.95 30.04
N LYS A 113 -28.57 -2.13 29.01
CA LYS A 113 -28.10 -0.75 29.25
C LYS A 113 -28.89 0.30 28.46
N GLU A 114 -28.67 1.56 28.82
CA GLU A 114 -29.19 2.71 28.11
C GLU A 114 -28.07 3.72 28.17
N ASN A 115 -28.20 4.81 27.44
CA ASN A 115 -27.18 5.84 27.54
C ASN A 115 -25.75 5.22 27.27
N ILE A 116 -25.63 4.25 26.32
CA ILE A 116 -24.34 3.58 26.04
C ILE A 116 -23.38 4.57 25.38
N ASN A 117 -22.15 4.66 25.90
CA ASN A 117 -21.13 5.55 25.33
C ASN A 117 -19.86 4.81 25.00
N GLY A 118 -19.34 5.05 23.78
CA GLY A 118 -18.07 4.41 23.39
C GLY A 118 -17.18 5.30 22.59
N GLN A 119 -15.99 4.86 22.29
CA GLN A 119 -15.16 5.64 21.41
C GLN A 119 -14.24 4.76 20.59
N PHE A 120 -13.73 5.25 19.47
CA PHE A 120 -12.80 4.44 18.72
C PHE A 120 -11.76 5.32 18.13
N SER A 121 -10.69 4.68 17.67
CA SER A 121 -9.52 5.34 17.14
C SER A 121 -9.00 4.34 16.09
N LEU A 122 -8.93 4.77 14.83
CA LEU A 122 -8.59 3.86 13.74
C LEU A 122 -7.62 4.53 12.77
N PRO A 123 -6.60 3.78 12.32
CA PRO A 123 -5.60 4.33 11.43
C PRO A 123 -6.27 4.56 10.09
N LEU A 124 -5.76 5.51 9.34
CA LEU A 124 -6.27 5.78 8.00
C LEU A 124 -5.06 6.03 7.12
N PHE A 125 -5.13 5.56 5.89
CA PHE A 125 -4.01 5.61 4.95
C PHE A 125 -4.51 6.14 3.64
N THR A 126 -3.59 6.40 2.71
CA THR A 126 -4.01 6.85 1.38
C THR A 126 -4.68 5.70 0.60
N ASP A 127 -5.52 6.05 -0.38
CA ASP A 127 -5.92 5.08 -1.37
C ASP A 127 -4.97 5.26 -2.54
N ARG A 128 -3.99 4.38 -2.71
CA ARG A 128 -2.96 4.62 -3.76
C ARG A 128 -3.60 4.72 -5.13
N ALA A 129 -4.67 3.97 -5.35
CA ALA A 129 -5.29 3.97 -6.67
C ALA A 129 -6.16 5.19 -6.91
N LYS A 130 -6.89 5.70 -5.92
CA LYS A 130 -7.80 6.83 -6.19
C LYS A 130 -7.19 8.18 -5.91
N ALA A 131 -6.04 8.21 -5.27
CA ALA A 131 -5.29 9.46 -5.07
C ALA A 131 -3.84 9.23 -5.55
N PRO A 132 -3.68 8.90 -6.85
CA PRO A 132 -2.38 8.48 -7.36
C PRO A 132 -1.36 9.61 -7.45
N LYS A 133 -1.79 10.88 -7.49
CA LYS A 133 -0.85 12.03 -7.59
C LYS A 133 -0.81 12.87 -6.34
N SER A 134 0.37 13.45 -6.09
CA SER A 134 0.52 14.39 -4.99
C SER A 134 -0.50 15.48 -5.15
N GLY A 135 -0.99 16.01 -4.04
CA GLY A 135 -2.02 17.05 -4.11
C GLY A 135 -2.98 17.07 -2.93
N THR A 136 -4.09 17.78 -3.08
CA THR A 136 -5.05 17.89 -2.00
C THR A 136 -6.36 17.25 -2.39
N TYR A 137 -6.99 16.55 -1.44
CA TYR A 137 -8.24 15.84 -1.72
C TYR A 137 -9.23 16.07 -0.59
N ASP A 138 -10.48 15.83 -0.93
CA ASP A 138 -11.56 15.85 0.05
C ASP A 138 -11.47 14.58 0.85
N ALA A 139 -11.38 14.73 2.16
CA ALA A 139 -11.33 13.61 3.06
C ALA A 139 -12.55 13.63 3.99
N ASN A 140 -13.73 13.51 3.40
CA ASN A 140 -14.97 13.65 4.16
C ASN A 140 -15.40 12.29 4.60
N ILE A 141 -15.51 12.08 5.90
CA ILE A 141 -15.79 10.73 6.44
C ILE A 141 -17.21 10.61 6.96
N ASN A 142 -17.87 9.49 6.71
CA ASN A 142 -19.26 9.40 7.11
C ASN A 142 -19.35 8.46 8.30
N ILE A 143 -19.84 8.94 9.43
CA ILE A 143 -20.04 8.09 10.60
C ILE A 143 -21.45 8.18 11.09
N ALA A 144 -22.12 7.04 11.10
CA ALA A 144 -23.51 6.95 11.50
C ALA A 144 -24.38 8.00 10.82
N ASP A 145 -24.41 7.94 9.48
CA ASP A 145 -25.10 8.91 8.60
C ASP A 145 -24.85 10.36 8.94
N GLU A 146 -23.63 10.75 9.23
CA GLU A 146 -23.28 12.11 9.48
C GLU A 146 -21.89 12.37 8.84
N MET A 147 -21.68 13.57 8.31
CA MET A 147 -20.44 13.87 7.58
C MET A 147 -19.49 14.64 8.44
N PHE A 148 -18.23 14.25 8.42
CA PHE A 148 -17.23 14.95 9.17
C PHE A 148 -16.15 15.31 8.15
N ASN A 149 -16.14 16.59 7.74
CA ASN A 149 -15.36 17.08 6.62
C ASN A 149 -13.93 17.46 6.90
N ASN A 150 -13.04 17.13 5.96
CA ASN A 150 -11.61 17.42 6.08
C ASN A 150 -11.00 17.51 4.72
N LYS A 151 -9.80 18.07 4.71
CA LYS A 151 -8.98 18.17 3.54
C LYS A 151 -7.70 17.35 3.76
N ILE A 152 -7.43 16.40 2.87
CA ILE A 152 -6.16 15.68 2.97
C ILE A 152 -5.15 16.12 1.91
N THR A 153 -3.89 16.18 2.31
CA THR A 153 -2.81 16.54 1.42
C THR A 153 -1.70 15.47 1.42
N TYR A 154 -1.43 14.93 0.22
CA TYR A 154 -0.40 13.92 0.06
C TYR A 154 0.83 14.49 -0.62
N ASN A 155 1.96 14.49 0.06
CA ASN A 155 3.22 14.83 -0.56
C ASN A 155 4.03 13.59 -0.82
N TYR A 156 3.71 12.91 -1.91
CA TYR A 156 4.37 11.68 -2.20
C TYR A 156 5.84 11.91 -2.54
N SER A 157 6.74 11.17 -1.93
CA SER A 157 8.13 11.17 -2.43
C SER A 157 8.08 10.68 -3.86
N SER A 158 8.59 11.49 -4.78
CA SER A 158 8.51 11.16 -6.20
C SER A 158 9.10 9.79 -6.53
N PRO A 159 8.37 8.94 -7.28
CA PRO A 159 9.03 7.69 -7.78
C PRO A 159 10.16 7.95 -8.81
N ILE A 160 10.32 9.19 -9.29
CA ILE A 160 11.29 9.50 -10.33
C ILE A 160 12.60 9.77 -9.62
N ALA A 161 13.50 8.79 -9.53
CA ALA A 161 14.70 8.90 -8.72
C ALA A 161 15.80 8.19 -9.45
N GLY A 162 17.02 8.67 -9.32
CA GLY A 162 18.15 8.02 -9.96
C GLY A 162 19.44 8.82 -9.88
N ILE A 163 20.48 8.30 -10.52
CA ILE A 163 21.72 9.02 -10.64
C ILE A 163 21.41 10.27 -11.43
N ASP A 164 22.00 11.38 -11.02
CA ASP A 164 21.70 12.64 -11.72
C ASP A 164 22.56 12.87 -12.96
N LYS A 165 22.36 12.08 -13.99
CA LYS A 165 23.06 12.22 -15.26
C LYS A 165 22.14 11.69 -16.32
N PRO A 166 22.19 12.29 -17.51
CA PRO A 166 21.32 11.91 -18.62
C PRO A 166 21.33 10.43 -18.97
N ASN A 167 22.37 9.71 -18.60
CA ASN A 167 22.40 8.27 -18.92
C ASN A 167 22.55 7.47 -17.65
N GLY A 168 22.25 8.06 -16.50
CA GLY A 168 22.38 7.39 -15.21
C GLY A 168 21.30 6.37 -14.89
N ALA A 169 21.65 5.34 -14.12
CA ALA A 169 20.68 4.33 -13.72
C ALA A 169 19.58 5.00 -12.89
N ASN A 170 18.34 4.54 -13.09
CA ASN A 170 17.22 5.08 -12.32
C ASN A 170 16.10 4.08 -12.16
N ILE A 171 15.64 3.89 -10.92
CA ILE A 171 14.65 2.87 -10.63
C ILE A 171 14.07 3.11 -9.28
N SER A 172 12.81 2.75 -9.08
CA SER A 172 12.21 2.81 -7.77
C SER A 172 11.13 1.72 -7.61
N SER A 173 10.56 1.63 -6.43
CA SER A 173 9.59 0.60 -6.22
C SER A 173 8.94 0.83 -4.89
N GLN A 174 7.86 0.14 -4.67
CA GLN A 174 7.13 0.27 -3.43
C GLN A 174 6.34 -1.00 -3.20
N ILE A 175 6.35 -1.49 -1.95
CA ILE A 175 5.53 -2.64 -1.62
C ILE A 175 4.13 -2.09 -1.31
N ILE A 176 3.14 -2.39 -2.16
CA ILE A 176 1.79 -1.82 -2.01
C ILE A 176 0.76 -2.76 -1.32
N GLY A 177 1.11 -4.04 -1.10
CA GLY A 177 0.19 -4.97 -0.42
C GLY A 177 0.97 -6.09 0.26
N VAL A 178 0.72 -6.33 1.54
CA VAL A 178 1.32 -7.47 2.25
C VAL A 178 0.16 -8.20 2.90
N ASP A 179 0.09 -9.52 2.68
CA ASP A 179 -0.96 -10.29 3.32
C ASP A 179 -0.41 -10.88 4.60
N THR A 180 -0.79 -10.31 5.73
CA THR A 180 -0.28 -10.77 7.01
C THR A 180 -1.34 -11.53 7.73
N ALA A 181 -2.54 -11.66 7.14
CA ALA A 181 -3.65 -12.29 7.88
C ALA A 181 -3.90 -13.75 7.49
N SER A 182 -3.83 -14.10 6.21
CA SER A 182 -4.34 -15.39 5.78
C SER A 182 -3.39 -16.53 6.02
N GLY A 183 -2.12 -16.24 6.20
CA GLY A 183 -1.14 -17.31 6.35
C GLY A 183 -0.47 -17.59 5.01
N GLN A 184 -1.07 -17.15 3.91
CA GLN A 184 -0.41 -17.32 2.62
C GLN A 184 0.84 -16.47 2.46
N ASN A 185 0.96 -15.32 3.15
CA ASN A 185 2.19 -14.58 3.15
C ASN A 185 2.62 -14.04 1.76
N THR A 186 1.68 -13.47 1.02
CA THR A 186 1.99 -12.90 -0.26
C THR A 186 2.29 -11.38 -0.15
N TYR A 187 2.90 -10.81 -1.20
CA TYR A 187 3.07 -9.35 -1.30
C TYR A 187 3.04 -8.90 -2.73
N LYS A 188 2.56 -7.70 -2.95
CA LYS A 188 2.50 -7.16 -4.29
C LYS A 188 3.42 -5.92 -4.27
N GLN A 189 4.26 -5.77 -5.29
CA GLN A 189 5.19 -4.66 -5.35
C GLN A 189 5.27 -4.07 -6.76
N THR A 190 5.21 -2.76 -6.89
CA THR A 190 5.39 -2.09 -8.18
C THR A 190 6.82 -1.63 -8.33
N VAL A 191 7.45 -1.93 -9.46
CA VAL A 191 8.77 -1.39 -9.75
C VAL A 191 8.68 -0.54 -10.99
N PHE A 192 9.25 0.66 -10.90
CA PHE A 192 9.31 1.54 -12.07
C PHE A 192 10.73 1.45 -12.59
N VAL A 193 10.91 0.79 -13.73
CA VAL A 193 12.21 0.69 -14.34
C VAL A 193 12.37 1.91 -15.26
N ASN A 194 13.44 2.71 -15.03
CA ASN A 194 13.85 3.83 -15.88
C ASN A 194 12.74 4.87 -15.87
N PRO A 195 12.29 5.28 -14.68
CA PRO A 195 11.21 6.29 -14.66
C PRO A 195 11.56 7.67 -15.32
N LYS A 196 12.86 8.01 -15.41
CA LYS A 196 13.34 9.24 -16.04
C LYS A 196 13.27 9.12 -17.58
N GLN A 197 12.93 7.92 -18.05
CA GLN A 197 12.83 7.63 -19.45
C GLN A 197 14.07 8.05 -20.24
N ARG A 198 15.26 7.79 -19.69
CA ARG A 198 16.52 8.00 -20.39
C ARG A 198 16.81 6.91 -21.41
N VAL A 199 17.82 7.13 -22.24
CA VAL A 199 18.23 6.18 -23.25
C VAL A 199 19.37 5.47 -22.59
N LEU A 200 19.18 4.20 -22.22
CA LEU A 200 20.22 3.46 -21.46
C LEU A 200 20.66 2.20 -22.22
N GLY A 201 21.88 1.75 -21.98
CA GLY A 201 22.41 0.60 -22.70
C GLY A 201 22.74 -0.54 -21.76
N ASN A 202 22.58 -1.76 -22.26
CA ASN A 202 22.91 -2.98 -21.50
C ASN A 202 22.34 -2.94 -20.06
N THR A 203 21.04 -2.61 -19.97
CA THR A 203 20.37 -2.44 -18.68
C THR A 203 19.99 -3.76 -18.05
N TRP A 204 20.43 -3.94 -16.81
CA TRP A 204 20.03 -5.07 -15.97
C TRP A 204 19.26 -4.53 -14.78
N VAL A 205 18.24 -5.27 -14.34
CA VAL A 205 17.47 -4.97 -13.14
C VAL A 205 17.51 -6.20 -12.22
N TYR A 206 17.73 -5.98 -10.93
CA TYR A 206 17.79 -7.05 -9.94
C TYR A 206 16.70 -6.80 -8.92
N ILE A 207 15.80 -7.76 -8.71
CA ILE A 207 14.79 -7.61 -7.68
C ILE A 207 15.13 -8.56 -6.54
N LYS A 208 15.59 -8.03 -5.42
CA LYS A 208 16.09 -8.84 -4.31
C LYS A 208 15.05 -8.99 -3.22
N GLY A 209 15.05 -10.15 -2.55
CA GLY A 209 14.10 -10.38 -1.49
C GLY A 209 14.64 -9.90 -0.16
N TYR A 210 15.78 -9.21 -0.20
CA TYR A 210 16.45 -8.68 0.99
C TYR A 210 17.25 -7.41 0.60
N GLN A 211 17.89 -6.76 1.57
CA GLN A 211 18.68 -5.56 1.31
C GLN A 211 20.16 -5.94 1.37
N ASP A 212 20.79 -5.86 2.54
CA ASP A 212 22.22 -6.13 2.61
C ASP A 212 22.54 -7.51 3.17
N LYS A 213 21.76 -7.99 4.12
CA LYS A 213 21.95 -9.37 4.59
C LYS A 213 20.74 -10.26 4.32
N ILE A 214 20.94 -11.32 3.56
CA ILE A 214 19.90 -12.31 3.33
C ILE A 214 19.12 -12.68 4.61
N GLU A 215 19.80 -12.84 5.75
CA GLU A 215 19.20 -13.36 6.99
C GLU A 215 18.28 -12.33 7.64
N GLU A 216 18.37 -11.08 7.19
CA GLU A 216 17.61 -9.97 7.80
C GLU A 216 16.28 -9.64 7.17
N SER A 217 15.85 -10.37 6.16
CA SER A 217 14.57 -10.11 5.52
C SER A 217 13.76 -11.42 5.37
N SER A 218 12.44 -11.36 5.53
CA SER A 218 11.65 -12.55 5.32
C SER A 218 11.31 -12.78 3.84
N GLY A 219 11.76 -11.86 2.99
CA GLY A 219 11.46 -11.95 1.57
C GLY A 219 11.97 -13.25 0.98
N LYS A 220 11.25 -13.77 -0.01
CA LYS A 220 11.56 -15.04 -0.64
C LYS A 220 11.29 -14.86 -2.14
N VAL A 221 12.37 -14.66 -2.93
CA VAL A 221 12.28 -14.38 -4.35
C VAL A 221 12.90 -15.57 -5.08
N SER A 222 12.13 -16.22 -5.96
CA SER A 222 12.62 -17.37 -6.69
C SER A 222 11.62 -17.62 -7.82
N ALA A 223 11.95 -18.52 -8.72
CA ALA A 223 11.02 -18.94 -9.79
C ALA A 223 9.71 -19.54 -9.23
N THR A 224 9.72 -20.22 -8.09
CA THR A 224 8.43 -20.74 -7.60
C THR A 224 7.66 -19.74 -6.72
N ASP A 225 8.39 -18.87 -6.02
CA ASP A 225 7.81 -17.90 -5.11
C ASP A 225 7.39 -16.58 -5.75
N THR A 226 7.88 -16.26 -6.95
CA THR A 226 7.64 -14.93 -7.51
C THR A 226 7.06 -14.95 -8.92
N LYS A 227 6.11 -14.09 -9.22
CA LYS A 227 5.61 -13.91 -10.58
C LYS A 227 5.78 -12.45 -11.02
N LEU A 228 6.25 -12.27 -12.25
CA LEU A 228 6.55 -10.95 -12.73
C LEU A 228 5.82 -10.66 -14.03
N ARG A 229 5.30 -9.46 -14.16
CA ARG A 229 4.71 -9.05 -15.40
C ARG A 229 5.39 -7.72 -15.76
N ILE A 230 5.71 -7.54 -17.04
CA ILE A 230 6.50 -6.38 -17.46
C ILE A 230 5.73 -5.59 -18.48
N PHE A 231 5.66 -4.27 -18.28
CA PHE A 231 4.89 -3.38 -19.13
C PHE A 231 5.70 -2.23 -19.67
N GLU A 232 5.58 -2.03 -20.97
CA GLU A 232 6.21 -0.91 -21.60
C GLU A 232 5.25 0.31 -21.52
N VAL A 233 5.66 1.37 -20.81
CA VAL A 233 4.87 2.57 -20.66
C VAL A 233 4.89 3.42 -21.91
N ASN A 234 3.73 3.92 -22.32
CA ASN A 234 3.65 4.76 -23.47
C ASN A 234 3.80 6.24 -23.13
N ASP A 235 3.03 6.73 -22.17
CA ASP A 235 3.15 8.09 -21.73
C ASP A 235 3.52 8.13 -20.24
N THR A 236 4.79 8.42 -19.98
CA THR A 236 5.34 8.49 -18.66
C THR A 236 4.67 9.52 -17.73
N SER A 237 4.10 10.57 -18.29
CA SER A 237 3.52 11.61 -17.45
C SER A 237 2.21 11.12 -16.84
N LYS A 238 1.63 10.03 -17.37
CA LYS A 238 0.46 9.43 -16.73
C LYS A 238 0.75 8.57 -15.48
N LEU A 239 2.00 8.23 -15.25
CA LEU A 239 2.34 7.31 -14.17
C LEU A 239 2.07 7.89 -12.76
N SER A 240 1.70 7.04 -11.82
CA SER A 240 1.32 7.56 -10.51
C SER A 240 2.52 7.86 -9.62
N GLU A 241 2.23 8.63 -8.58
CA GLU A 241 3.19 8.87 -7.53
C GLU A 241 3.00 7.94 -6.40
N SER A 242 1.81 7.34 -6.33
CA SER A 242 1.46 6.47 -5.24
C SER A 242 2.06 5.07 -5.44
N TYR A 243 2.63 4.81 -6.61
CA TYR A 243 3.10 3.48 -7.04
C TYR A 243 1.99 2.50 -7.46
N TYR A 244 0.77 3.00 -7.57
CA TYR A 244 -0.29 2.19 -8.08
C TYR A 244 -0.16 2.08 -9.61
N ALA A 245 -0.47 0.93 -10.16
CA ALA A 245 -0.33 0.77 -11.63
C ALA A 245 -1.31 -0.27 -12.09
N ASP A 246 -2.10 0.06 -13.10
CA ASP A 246 -3.17 -0.83 -13.57
C ASP A 246 -2.67 -1.67 -14.75
N PRO A 247 -2.55 -2.98 -14.53
CA PRO A 247 -2.07 -3.84 -15.59
C PRO A 247 -2.96 -3.81 -16.84
N ASN A 248 -4.15 -3.23 -16.77
CA ASN A 248 -5.02 -3.22 -17.96
C ASN A 248 -5.15 -1.82 -18.49
N ASP A 249 -4.43 -0.89 -17.87
CA ASP A 249 -4.31 0.45 -18.37
C ASP A 249 -3.77 0.41 -19.84
N SER A 250 -4.51 1.05 -20.73
CA SER A 250 -4.09 1.14 -22.12
C SER A 250 -2.76 1.90 -22.28
N ASN A 251 -2.31 2.64 -21.27
CA ASN A 251 -1.02 3.32 -21.29
C ASN A 251 0.10 2.32 -21.03
N LEU A 252 -0.24 1.11 -20.62
CA LEU A 252 0.74 0.06 -20.42
C LEU A 252 0.66 -1.03 -21.52
N LYS A 253 1.76 -1.32 -22.19
CA LYS A 253 1.74 -2.40 -23.15
C LYS A 253 2.43 -3.65 -22.59
N GLU A 254 1.70 -4.72 -22.30
CA GLU A 254 2.35 -5.90 -21.75
C GLU A 254 3.43 -6.52 -22.67
N VAL A 255 4.60 -6.77 -22.12
CA VAL A 255 5.70 -7.39 -22.86
C VAL A 255 6.25 -8.57 -22.08
N THR A 256 5.53 -9.02 -21.05
CA THR A 256 6.00 -10.19 -20.29
C THR A 256 6.54 -11.33 -21.17
N ASP A 257 5.77 -11.73 -22.17
CA ASP A 257 6.19 -12.79 -23.10
C ASP A 257 7.53 -12.59 -23.76
N GLN A 258 7.89 -11.35 -24.07
CA GLN A 258 9.20 -11.08 -24.65
C GLN A 258 10.35 -11.30 -23.69
N PHE A 259 10.04 -11.26 -22.39
CA PHE A 259 11.07 -11.43 -21.38
C PHE A 259 11.13 -12.86 -20.91
N LYS A 260 10.47 -13.75 -21.64
CA LYS A 260 10.31 -15.15 -21.21
C LYS A 260 11.63 -15.85 -20.84
N ASN A 261 12.66 -15.76 -21.70
CA ASN A 261 13.98 -16.31 -21.36
C ASN A 261 15.03 -15.18 -21.12
N ARG A 262 14.59 -14.06 -20.53
CA ARG A 262 15.47 -12.95 -20.10
C ARG A 262 15.39 -12.66 -18.59
N ILE A 263 14.70 -13.52 -17.86
CA ILE A 263 14.58 -13.37 -16.40
C ILE A 263 15.26 -14.56 -15.77
N TYR A 264 16.22 -14.32 -14.91
CA TYR A 264 17.08 -15.40 -14.35
C TYR A 264 17.05 -15.40 -12.88
N TYR A 265 17.18 -16.58 -12.31
CA TYR A 265 17.18 -16.68 -10.88
C TYR A 265 18.51 -17.26 -10.55
N GLU A 266 19.55 -16.77 -11.23
CA GLU A 266 20.94 -17.21 -10.96
C GLU A 266 21.41 -17.04 -9.49
N HIS A 267 20.83 -16.12 -8.70
CA HIS A 267 21.27 -15.89 -7.32
C HIS A 267 20.17 -16.02 -6.29
N PRO A 268 20.56 -16.28 -5.03
CA PRO A 268 19.57 -16.60 -4.00
C PRO A 268 18.80 -15.37 -3.68
N ASN A 269 17.50 -15.55 -3.66
CA ASN A 269 16.64 -14.50 -3.23
C ASN A 269 16.75 -13.29 -4.18
N VAL A 270 17.08 -13.57 -5.45
CA VAL A 270 17.21 -12.50 -6.39
C VAL A 270 16.70 -12.84 -7.80
N ALA A 271 15.90 -11.93 -8.38
CA ALA A 271 15.45 -12.01 -9.79
C ALA A 271 16.20 -11.05 -10.71
N SER A 272 17.00 -11.61 -11.59
CA SER A 272 17.77 -10.79 -12.52
C SER A 272 16.99 -10.63 -13.82
N ILE A 273 16.85 -9.38 -14.28
CA ILE A 273 16.13 -9.11 -15.53
C ILE A 273 17.01 -8.36 -16.50
N LYS A 274 17.14 -8.92 -17.70
CA LYS A 274 17.93 -8.31 -18.76
C LYS A 274 17.04 -7.44 -19.62
N PHE A 275 17.09 -6.13 -19.39
CA PHE A 275 16.40 -5.19 -20.24
C PHE A 275 17.13 -4.84 -21.52
N GLY A 276 18.47 -4.86 -21.51
CA GLY A 276 19.25 -4.45 -22.68
C GLY A 276 19.21 -2.95 -22.93
N ASP A 277 19.17 -2.56 -24.19
CA ASP A 277 19.12 -1.15 -24.58
C ASP A 277 17.71 -0.69 -24.62
N ILE A 278 17.37 0.32 -23.84
CA ILE A 278 15.99 0.70 -23.71
C ILE A 278 15.89 2.20 -23.81
N THR A 279 14.70 2.67 -24.12
CA THR A 279 14.47 4.10 -24.32
C THR A 279 13.09 4.42 -23.80
N LYS A 280 12.42 3.48 -23.17
CA LYS A 280 11.09 3.71 -22.65
C LYS A 280 11.15 3.35 -21.15
N THR A 281 10.19 3.83 -20.35
CA THR A 281 10.04 3.45 -18.93
C THR A 281 9.28 2.11 -18.85
N TYR A 282 9.54 1.28 -17.84
CA TYR A 282 8.77 0.02 -17.71
C TYR A 282 8.15 -0.08 -16.37
N VAL A 283 6.99 -0.73 -16.31
CA VAL A 283 6.39 -1.11 -15.03
C VAL A 283 6.58 -2.58 -14.87
N VAL A 284 7.19 -3.02 -13.77
CA VAL A 284 7.30 -4.46 -13.48
C VAL A 284 6.42 -4.74 -12.28
N LEU A 285 5.33 -5.49 -12.42
CA LEU A 285 4.48 -5.85 -11.25
C LEU A 285 4.96 -7.17 -10.62
N VAL A 286 5.19 -7.17 -9.31
CA VAL A 286 5.77 -8.32 -8.66
C VAL A 286 4.74 -8.90 -7.73
N GLU A 287 4.48 -10.20 -7.84
CA GLU A 287 3.69 -10.87 -6.82
C GLU A 287 4.61 -11.86 -6.17
N GLY A 288 4.82 -11.72 -4.86
CA GLY A 288 5.80 -12.58 -4.20
C GLY A 288 5.29 -13.22 -2.93
N HIS A 289 6.21 -13.81 -2.19
CA HIS A 289 5.92 -14.41 -0.91
C HIS A 289 7.05 -14.09 0.04
N TYR A 290 6.77 -14.12 1.32
CA TYR A 290 7.78 -13.96 2.34
C TYR A 290 7.63 -15.14 3.27
N ASP A 291 8.65 -15.40 4.05
CA ASP A 291 8.70 -16.65 4.77
C ASP A 291 8.05 -16.53 6.16
N ASN A 292 8.22 -17.56 6.97
CA ASN A 292 7.64 -17.59 8.31
C ASN A 292 8.61 -17.26 9.46
N THR A 293 9.77 -16.73 9.15
CA THR A 293 10.76 -16.44 10.17
C THR A 293 10.33 -15.29 11.10
N GLY A 294 9.29 -14.56 10.73
CA GLY A 294 8.88 -13.40 11.52
C GLY A 294 9.73 -12.17 11.31
N LYS A 295 10.70 -12.25 10.38
CA LYS A 295 11.53 -11.10 10.02
C LYS A 295 10.72 -10.12 9.15
N ASN A 296 11.13 -8.87 9.16
CA ASN A 296 10.48 -7.94 8.28
C ASN A 296 10.74 -8.22 6.80
N LEU A 297 9.77 -7.82 5.99
CA LEU A 297 9.90 -7.95 4.57
C LEU A 297 10.70 -6.71 4.14
N LYS A 298 11.93 -6.93 3.69
CA LYS A 298 12.85 -5.87 3.36
C LYS A 298 13.35 -6.14 1.94
N THR A 299 13.16 -5.23 1.01
CA THR A 299 13.56 -5.50 -0.40
C THR A 299 14.48 -4.45 -0.96
N GLN A 300 15.07 -4.74 -2.09
CA GLN A 300 15.92 -3.78 -2.74
C GLN A 300 15.91 -4.09 -4.21
N VAL A 301 15.74 -3.08 -5.06
CA VAL A 301 15.82 -3.28 -6.50
C VAL A 301 17.00 -2.48 -7.01
N ILE A 302 17.72 -2.99 -7.99
CA ILE A 302 18.90 -2.31 -8.42
C ILE A 302 18.86 -2.26 -9.92
N GLN A 303 19.22 -1.12 -10.51
CA GLN A 303 19.33 -1.09 -11.93
C GLN A 303 20.73 -0.64 -12.25
N GLU A 304 21.37 -1.29 -13.23
CA GLU A 304 22.68 -0.89 -13.69
C GLU A 304 22.68 -0.83 -15.19
N ASN A 305 23.46 0.09 -15.75
CA ASN A 305 23.60 0.21 -17.20
C ASN A 305 24.83 1.00 -17.59
N VAL A 306 25.03 1.14 -18.89
CA VAL A 306 26.04 2.05 -19.38
C VAL A 306 25.45 2.97 -20.40
N ASP A 307 26.24 3.94 -20.86
CA ASP A 307 25.84 4.81 -21.98
C ASP A 307 25.60 3.99 -23.26
N PRO A 308 24.45 4.14 -23.91
CA PRO A 308 24.17 3.27 -25.05
C PRO A 308 25.10 3.56 -26.26
N VAL A 309 25.74 4.75 -26.25
CA VAL A 309 26.64 5.16 -27.35
C VAL A 309 28.12 4.80 -27.12
N THR A 310 28.68 5.15 -25.97
CA THR A 310 30.12 4.96 -25.70
C THR A 310 30.43 3.63 -24.97
N ASN A 311 29.39 2.86 -24.59
CA ASN A 311 29.52 1.68 -23.72
C ASN A 311 30.39 1.87 -22.47
N ARG A 312 30.60 3.13 -22.14
CA ARG A 312 31.28 3.58 -20.93
C ARG A 312 30.26 4.28 -19.99
N ASP A 313 30.79 5.04 -19.02
CA ASP A 313 29.96 5.76 -18.07
C ASP A 313 29.03 4.86 -17.28
N TYR A 314 29.54 3.68 -16.95
CA TYR A 314 28.84 2.74 -16.11
C TYR A 314 28.09 3.46 -14.95
N SER A 315 26.90 2.99 -14.59
CA SER A 315 26.09 3.61 -13.56
C SER A 315 25.24 2.53 -12.88
N ILE A 316 24.90 2.76 -11.63
CA ILE A 316 24.15 1.80 -10.81
C ILE A 316 23.39 2.53 -9.69
N PHE A 317 22.08 2.22 -9.53
CA PHE A 317 21.18 2.84 -8.56
C PHE A 317 20.39 1.76 -7.81
N GLY A 318 20.30 1.89 -6.48
CA GLY A 318 19.51 0.97 -5.62
C GLY A 318 18.31 1.62 -4.94
N TRP A 319 17.30 0.84 -4.61
CA TRP A 319 16.12 1.39 -3.94
C TRP A 319 15.60 0.37 -2.93
N ASN A 320 15.46 0.81 -1.67
CA ASN A 320 15.01 -0.03 -0.56
C ASN A 320 13.53 0.15 -0.22
N ASN A 321 12.83 -0.96 0.06
CA ASN A 321 11.47 -0.92 0.55
C ASN A 321 11.37 -1.69 1.86
N GLU A 322 10.43 -1.26 2.69
CA GLU A 322 10.05 -1.94 3.92
C GLU A 322 8.74 -1.30 4.33
N ASN A 323 7.83 -2.04 4.98
CA ASN A 323 6.58 -1.35 5.45
C ASN A 323 6.39 -1.41 6.97
N VAL A 324 5.50 -0.56 7.50
CA VAL A 324 5.15 -0.55 8.94
C VAL A 324 3.67 -0.92 9.16
N VAL A 325 3.32 -1.47 10.34
CA VAL A 325 1.90 -1.75 10.72
C VAL A 325 1.39 -0.81 11.86
N ARG A 326 0.19 -0.22 11.69
CA ARG A 326 -0.44 0.63 12.73
C ARG A 326 -1.67 -0.03 13.38
N TYR A 327 -2.02 0.40 14.60
CA TYR A 327 -3.14 -0.19 15.35
C TYR A 327 -4.15 0.86 15.83
N GLY A 328 -5.41 0.41 15.97
CA GLY A 328 -6.48 1.24 16.57
C GLY A 328 -6.94 0.76 17.96
N SER B 5 27.02 4.74 -8.67
CA SER B 5 26.68 4.23 -7.29
C SER B 5 25.97 5.33 -6.47
N SER B 6 24.77 5.01 -5.93
CA SER B 6 23.86 5.93 -5.15
C SER B 6 22.55 5.12 -4.88
N GLY B 7 21.57 5.70 -4.18
CA GLY B 7 20.28 5.06 -3.97
C GLY B 7 19.33 5.82 -3.08
N GLY B 8 18.10 5.34 -2.97
CA GLY B 8 17.18 5.87 -1.98
C GLY B 8 16.24 4.79 -1.52
N GLY B 9 15.01 5.16 -1.19
CA GLY B 9 14.04 4.19 -0.75
C GLY B 9 12.73 4.84 -0.39
N SER B 10 11.73 4.00 -0.18
CA SER B 10 10.44 4.48 0.20
C SER B 10 9.94 3.41 1.13
N SER B 11 8.87 3.70 1.85
CA SER B 11 8.33 2.75 2.76
C SER B 11 6.81 2.95 2.77
N GLY B 12 6.06 1.87 3.00
CA GLY B 12 4.62 1.96 3.08
C GLY B 12 4.16 1.61 4.47
N GLY B 13 2.84 1.51 4.62
CA GLY B 13 2.25 1.10 5.88
C GLY B 13 0.78 0.78 5.73
N GLY B 14 0.28 -0.01 6.70
CA GLY B 14 -1.12 -0.45 6.74
C GLY B 14 -1.48 -0.93 8.13
N HIS B 15 -2.66 -1.50 8.27
CA HIS B 15 -3.18 -1.93 9.55
C HIS B 15 -3.35 -3.46 9.66
#